data_5I7X
#
_entry.id   5I7X
#
_cell.length_a   24.640
_cell.length_b   34.000
_cell.length_c   39.490
_cell.angle_alpha   68.560
_cell.angle_beta   74.310
_cell.angle_gamma   72.950
#
_symmetry.space_group_name_H-M   'P 1'
#
loop_
_entity.id
_entity.type
_entity.pdbx_description
1 polymer 'Bromodomain-containing protein 9'
2 non-polymer N,N-dimethyl-3-(6-methyl-7-oxo-6,7-dihydro-1H-pyrrolo[2,3-c]pyridin-4-yl)benzamide
3 water water
#
_entity_poly.entity_id   1
_entity_poly.type   'polypeptide(L)'
_entity_poly.pdbx_seq_one_letter_code
;STPIQQLLEHFLRQLQRKDPHGFFAFPVTDAIAPGYSMIIKHPMDFGTMKDKIVANEYKSVTEFKADFKLMCDNAMTYNR
PDTVYYKLAKKILHAGFKMMS
;
_entity_poly.pdbx_strand_id   A
#
# COMPACT_ATOMS: atom_id res chain seq x y z
CA SER A 1 -1.22 -18.05 12.90
C SER A 1 -0.35 -18.85 11.95
N THR A 2 -0.74 -18.90 10.68
CA THR A 2 -0.02 -19.71 9.71
C THR A 2 1.33 -19.06 9.42
N PRO A 3 2.28 -19.85 8.91
CA PRO A 3 3.57 -19.27 8.51
C PRO A 3 3.43 -18.09 7.55
N ILE A 4 2.58 -18.21 6.54
CA ILE A 4 2.44 -17.09 5.60
C ILE A 4 1.89 -15.86 6.30
N GLN A 5 0.90 -16.05 7.19
CA GLN A 5 0.38 -14.89 7.92
C GLN A 5 1.48 -14.22 8.74
N GLN A 6 2.32 -15.01 9.41
CA GLN A 6 3.39 -14.43 10.21
C GLN A 6 4.37 -13.65 9.36
N LEU A 7 4.75 -14.19 8.20
CA LEU A 7 5.70 -13.51 7.34
C LEU A 7 5.09 -12.22 6.78
N LEU A 8 3.83 -12.28 6.36
CA LEU A 8 3.18 -11.10 5.81
C LEU A 8 2.98 -10.03 6.87
N GLU A 9 2.68 -10.42 8.11
CA GLU A 9 2.60 -9.44 9.19
C GLU A 9 3.95 -8.77 9.41
N HIS A 10 5.03 -9.54 9.30
CA HIS A 10 6.37 -8.97 9.42
C HIS A 10 6.65 -7.98 8.30
N PHE A 11 6.38 -8.38 7.06
CA PHE A 11 6.58 -7.46 5.93
C PHE A 11 5.73 -6.21 6.10
N LEU A 12 4.47 -6.37 6.49
CA LEU A 12 3.59 -5.22 6.64
C LEU A 12 4.12 -4.24 7.67
N ARG A 13 4.59 -4.75 8.83
CA ARG A 13 5.16 -3.86 9.82
C ARG A 13 6.33 -3.07 9.24
N GLN A 14 7.22 -3.75 8.52
CA GLN A 14 8.39 -3.08 7.98
C GLN A 14 7.99 -2.06 6.92
N LEU A 15 6.99 -2.38 6.11
CA LEU A 15 6.50 -1.42 5.11
C LEU A 15 5.88 -0.20 5.77
N GLN A 16 5.06 -0.41 6.80
CA GLN A 16 4.39 0.72 7.43
C GLN A 16 5.37 1.67 8.11
N ARG A 17 6.52 1.14 8.57
CA ARG A 17 7.53 2.02 9.13
C ARG A 17 8.03 3.03 8.13
N LYS A 18 7.90 2.75 6.83
CA LYS A 18 8.33 3.67 5.80
C LYS A 18 7.32 4.78 5.52
N ASP A 19 6.16 4.75 6.20
CA ASP A 19 5.06 5.69 6.00
C ASP A 19 4.69 6.27 7.37
N PRO A 20 5.59 7.05 7.97
CA PRO A 20 5.34 7.53 9.34
C PRO A 20 4.12 8.44 9.47
N HIS A 21 3.72 9.14 8.40
CA HIS A 21 2.50 9.94 8.47
C HIS A 21 1.24 9.10 8.34
N GLY A 22 1.36 7.84 7.96
CA GLY A 22 0.18 7.02 7.76
C GLY A 22 -0.66 7.42 6.57
N PHE A 23 -0.05 8.02 5.54
CA PHE A 23 -0.83 8.36 4.35
C PHE A 23 -1.45 7.12 3.73
N PHE A 24 -0.77 5.97 3.87
CA PHE A 24 -1.22 4.72 3.28
C PHE A 24 -1.90 3.81 4.30
N ALA A 25 -2.23 4.33 5.48
CA ALA A 25 -2.73 3.47 6.55
C ALA A 25 -4.18 3.02 6.36
N PHE A 26 -5.00 3.83 5.70
CA PHE A 26 -6.43 3.60 5.61
C PHE A 26 -6.89 3.93 4.19
N PRO A 27 -8.04 3.42 3.78
CA PRO A 27 -8.54 3.76 2.43
C PRO A 27 -8.64 5.27 2.25
N VAL A 28 -8.25 5.74 1.06
CA VAL A 28 -8.35 7.16 0.73
C VAL A 28 -9.82 7.52 0.54
N THR A 29 -10.25 8.59 1.19
CA THR A 29 -11.63 9.03 1.03
C THR A 29 -11.73 10.13 -0.03
N ASP A 30 -12.91 10.24 -0.64
CA ASP A 30 -13.10 11.30 -1.62
C ASP A 30 -13.06 12.69 -0.98
N ALA A 31 -13.38 12.78 0.31
CA ALA A 31 -13.30 14.06 1.00
C ALA A 31 -11.85 14.55 1.05
N ILE A 32 -10.90 13.63 1.23
CA ILE A 32 -9.50 13.99 1.28
C ILE A 32 -8.93 14.17 -0.12
N ALA A 33 -9.39 13.34 -1.06
CA ALA A 33 -8.85 13.30 -2.42
C ALA A 33 -10.02 13.34 -3.39
N PRO A 34 -10.45 14.53 -3.79
CA PRO A 34 -11.66 14.66 -4.60
C PRO A 34 -11.68 13.73 -5.82
N GLY A 35 -12.80 13.07 -6.02
CA GLY A 35 -12.99 12.18 -7.16
C GLY A 35 -12.20 10.89 -7.10
N TYR A 36 -11.56 10.58 -5.96
CA TYR A 36 -10.67 9.42 -5.91
C TYR A 36 -11.37 8.16 -6.38
N SER A 37 -12.57 7.88 -5.87
CA SER A 37 -13.25 6.62 -6.15
C SER A 37 -13.70 6.50 -7.60
N MET A 38 -13.78 7.62 -8.32
CA MET A 38 -14.14 7.62 -9.72
C MET A 38 -12.93 7.49 -10.64
N ILE A 39 -11.73 7.67 -10.10
CA ILE A 39 -10.49 7.57 -10.86
C ILE A 39 -9.79 6.24 -10.62
N ILE A 40 -9.79 5.78 -9.37
CA ILE A 40 -9.06 4.60 -8.96
C ILE A 40 -10.06 3.47 -8.82
N LYS A 41 -9.97 2.49 -9.72
CA LYS A 41 -10.98 1.43 -9.78
C LYS A 41 -10.76 0.34 -8.74
N HIS A 42 -9.53 0.13 -8.28
CA HIS A 42 -9.20 -0.92 -7.32
C HIS A 42 -8.37 -0.34 -6.19
N PRO A 43 -9.02 0.34 -5.25
CA PRO A 43 -8.27 0.96 -4.15
C PRO A 43 -7.60 -0.08 -3.27
N MET A 44 -6.50 0.32 -2.64
CA MET A 44 -5.78 -0.53 -1.72
C MET A 44 -5.03 0.35 -0.73
N ASP A 45 -4.79 -0.20 0.47
CA ASP A 45 -4.13 0.53 1.54
C ASP A 45 -3.63 -0.51 2.55
N PHE A 46 -2.70 -0.08 3.41
CA PHE A 46 -2.11 -0.99 4.39
C PHE A 46 -3.14 -1.56 5.36
N GLY A 47 -4.16 -0.78 5.71
CA GLY A 47 -5.17 -1.28 6.64
C GLY A 47 -5.98 -2.41 6.05
N THR A 48 -6.36 -2.28 4.77
CA THR A 48 -7.05 -3.35 4.08
C THR A 48 -6.14 -4.58 3.94
N MET A 49 -4.86 -4.35 3.65
CA MET A 49 -3.90 -5.46 3.60
C MET A 49 -3.83 -6.19 4.92
N LYS A 50 -3.78 -5.45 6.04
CA LYS A 50 -3.80 -6.09 7.34
C LYS A 50 -5.04 -6.97 7.51
N ASP A 51 -6.22 -6.42 7.18
CA ASP A 51 -7.45 -7.19 7.30
C ASP A 51 -7.41 -8.44 6.43
N LYS A 52 -6.79 -8.35 5.25
CA LYS A 52 -6.68 -9.52 4.39
C LYS A 52 -5.74 -10.57 4.98
N ILE A 53 -4.65 -10.14 5.62
CA ILE A 53 -3.80 -11.10 6.32
C ILE A 53 -4.59 -11.80 7.41
N VAL A 54 -5.27 -11.03 8.24
CA VAL A 54 -6.00 -11.61 9.38
C VAL A 54 -7.09 -12.55 8.90
N ALA A 55 -7.75 -12.22 7.80
CA ALA A 55 -8.77 -13.09 7.23
C ALA A 55 -8.17 -14.26 6.44
N ASN A 56 -6.84 -14.34 6.37
CA ASN A 56 -6.12 -15.41 5.66
C ASN A 56 -6.47 -15.45 4.17
N GLU A 57 -6.58 -14.27 3.56
CA GLU A 57 -6.92 -14.17 2.14
C GLU A 57 -5.70 -14.22 1.22
N TYR A 58 -4.49 -13.99 1.74
CA TYR A 58 -3.28 -14.13 0.94
C TYR A 58 -2.78 -15.56 1.03
N LYS A 59 -2.61 -16.20 -0.12
CA LYS A 59 -2.09 -17.57 -0.16
C LYS A 59 -0.67 -17.63 -0.68
N SER A 60 -0.09 -16.51 -1.09
CA SER A 60 1.29 -16.46 -1.51
C SER A 60 1.84 -15.06 -1.23
N VAL A 61 3.17 -14.99 -1.08
CA VAL A 61 3.82 -13.70 -0.96
C VAL A 61 3.59 -12.87 -2.22
N THR A 62 3.54 -13.54 -3.38
CA THR A 62 3.28 -12.83 -4.63
C THR A 62 1.99 -12.03 -4.58
N GLU A 63 0.93 -12.62 -4.01
CA GLU A 63 -0.34 -11.91 -3.92
C GLU A 63 -0.23 -10.67 -3.03
N PHE A 64 0.48 -10.80 -1.91
CA PHE A 64 0.67 -9.67 -1.01
C PHE A 64 1.45 -8.56 -1.71
N LYS A 65 2.53 -8.93 -2.39
CA LYS A 65 3.32 -7.95 -3.12
C LYS A 65 2.47 -7.24 -4.18
N ALA A 66 1.57 -7.97 -4.84
CA ALA A 66 0.72 -7.36 -5.85
C ALA A 66 -0.20 -6.29 -5.24
N ASP A 67 -0.74 -6.55 -4.05
CA ASP A 67 -1.55 -5.52 -3.39
C ASP A 67 -0.71 -4.32 -2.99
N PHE A 68 0.50 -4.56 -2.49
CA PHE A 68 1.41 -3.46 -2.20
C PHE A 68 1.67 -2.62 -3.44
N LYS A 69 1.97 -3.28 -4.56
CA LYS A 69 2.24 -2.53 -5.79
C LYS A 69 1.01 -1.78 -6.26
N LEU A 70 -0.17 -2.41 -6.13
CA LEU A 70 -1.42 -1.74 -6.50
C LEU A 70 -1.60 -0.46 -5.71
N MET A 71 -1.37 -0.52 -4.39
CA MET A 71 -1.46 0.67 -3.56
C MET A 71 -0.54 1.78 -4.07
N CYS A 72 0.71 1.44 -4.38
CA CYS A 72 1.66 2.45 -4.83
C CYS A 72 1.31 2.95 -6.22
N ASP A 73 0.90 2.03 -7.11
CA ASP A 73 0.50 2.44 -8.45
C ASP A 73 -0.70 3.38 -8.42
N ASN A 74 -1.67 3.10 -7.53
CA ASN A 74 -2.82 4.00 -7.40
C ASN A 74 -2.37 5.41 -7.06
N ALA A 75 -1.42 5.53 -6.12
CA ALA A 75 -0.92 6.85 -5.74
C ALA A 75 -0.20 7.53 -6.89
N MET A 76 0.50 6.76 -7.73
CA MET A 76 1.19 7.35 -8.86
C MET A 76 0.28 7.59 -10.05
N THR A 77 -0.97 7.12 -10.00
CA THR A 77 -1.98 7.42 -11.01
C THR A 77 -2.83 8.62 -10.61
N TYR A 78 -3.27 8.68 -9.36
CA TYR A 78 -4.15 9.75 -8.93
C TYR A 78 -3.40 11.07 -8.74
N ASN A 79 -2.22 11.02 -8.14
CA ASN A 79 -1.45 12.21 -7.79
C ASN A 79 -0.45 12.57 -8.88
N ARG A 80 -0.11 13.85 -8.95
CA ARG A 80 0.93 14.33 -9.85
C ARG A 80 2.32 14.00 -9.30
N PRO A 81 3.31 13.90 -10.18
CA PRO A 81 4.65 13.48 -9.72
C PRO A 81 5.25 14.36 -8.64
N ASP A 82 4.91 15.64 -8.58
N ASP A 82 4.98 15.67 -8.67
CA ASP A 82 5.53 16.55 -7.62
CA ASP A 82 5.55 16.60 -7.70
C ASP A 82 4.97 16.44 -6.20
C ASP A 82 4.60 16.78 -6.52
N THR A 83 3.93 15.64 -5.98
N THR A 83 4.29 15.66 -5.88
CA THR A 83 3.27 15.60 -4.68
CA THR A 83 3.46 15.65 -4.69
C THR A 83 4.05 14.72 -3.70
C THR A 83 4.06 14.68 -3.68
N VAL A 84 3.79 14.93 -2.40
CA VAL A 84 4.39 14.09 -1.37
CA VAL A 84 4.35 14.11 -1.34
C VAL A 84 3.94 12.65 -1.52
N TYR A 85 2.68 12.43 -1.91
CA TYR A 85 2.14 11.09 -2.01
C TYR A 85 2.76 10.31 -3.16
N TYR A 86 2.95 10.95 -4.31
CA TYR A 86 3.60 10.29 -5.43
C TYR A 86 5.04 9.92 -5.09
N LYS A 87 5.80 10.88 -4.55
CA LYS A 87 7.19 10.61 -4.22
C LYS A 87 7.31 9.49 -3.20
N LEU A 88 6.45 9.49 -2.17
CA LEU A 88 6.53 8.44 -1.16
C LEU A 88 6.14 7.09 -1.73
N ALA A 89 5.09 7.06 -2.55
CA ALA A 89 4.66 5.82 -3.20
C ALA A 89 5.80 5.21 -4.01
N LYS A 90 6.47 6.04 -4.82
CA LYS A 90 7.56 5.52 -5.64
C LYS A 90 8.70 5.01 -4.78
N LYS A 91 9.06 5.79 -3.74
CA LYS A 91 10.16 5.41 -2.86
C LYS A 91 9.87 4.09 -2.16
N ILE A 92 8.68 3.95 -1.58
CA ILE A 92 8.40 2.75 -0.80
C ILE A 92 8.14 1.54 -1.71
N LEU A 93 7.64 1.78 -2.92
CA LEU A 93 7.47 0.68 -3.87
C LEU A 93 8.80 -0.01 -4.09
N HIS A 94 9.83 0.76 -4.42
CA HIS A 94 11.13 0.17 -4.71
C HIS A 94 11.78 -0.40 -3.46
N ALA A 95 11.76 0.36 -2.36
CA ALA A 95 12.41 -0.13 -1.14
C ALA A 95 11.68 -1.33 -0.58
N GLY A 96 10.34 -1.32 -0.67
CA GLY A 96 9.57 -2.45 -0.17
C GLY A 96 9.83 -3.74 -0.93
N PHE A 97 9.88 -3.66 -2.27
CA PHE A 97 10.15 -4.85 -3.06
C PHE A 97 11.56 -5.39 -2.78
N LYS A 98 12.53 -4.50 -2.60
CA LYS A 98 13.87 -4.95 -2.22
C LYS A 98 13.85 -5.62 -0.85
N MET A 99 13.21 -4.98 0.13
CA MET A 99 13.15 -5.52 1.48
C MET A 99 12.51 -6.90 1.49
N MET A 100 11.52 -7.12 0.64
CA MET A 100 10.82 -8.40 0.56
C MET A 100 11.53 -9.41 -0.32
N SER A 101 12.62 -9.02 -0.97
CA SER A 101 13.35 -9.91 -1.85
C SER A 101 14.61 -9.22 -2.37
#